data_2YDS
#
_entry.id   2YDS
#
_cell.length_a   118.090
_cell.length_b   118.090
_cell.length_c   148.260
_cell.angle_alpha   90.00
_cell.angle_beta   90.00
_cell.angle_gamma   120.00
#
_symmetry.space_group_name_H-M   'P 61'
#
loop_
_entity.id
_entity.type
_entity.pdbx_description
1 polymer 'O-GLCNACASE NAGJ'
2 polymer 'TGF-BETA-ACTIVATED KINASE 1 AND MAP3K7-BINDING PROTEIN 1'
3 non-polymer 2-acetamido-2-deoxy-beta-D-glucopyranose
4 non-polymer 'CADMIUM ION'
5 water water
#
loop_
_entity_poly.entity_id
_entity_poly.type
_entity_poly.pdbx_seq_one_letter_code
_entity_poly.pdbx_strand_id
1 'polypeptide(L)'
;GSVGPKTGEENQVLVPNLNPTPENLEVVGDGFKITSSINLVGEEEADENAVNALREFLTANNIEINSENDPNSTTLIIGE
VDDDIPELDEALNGTTAENLKEEGYALVSNDGKIAIEGKDGDGTFYGVQTFKQLVKESNIPEVNITDYPTVSARGIVEGF
YGTPWTHQDRLDQIKFYGENKLNTYIYAPKDDPYHREKWREPYPESEMQRMQELINASAENKVDFVFGISPGIDIRFDGD
AGEEDFNHLITKAESLYDMGVRSFAIYWDNIQDKSAAKHAQVLNRFNEEFVKAKGDVKPLITVPTEYDTGAMVSNGQPRA
YTRIFAETVDPSIEVMWTGPGVVTNEIPLSDAQLISGIYDRNMAVWWNYPVTDYFKGKLALGPMHGLDKGLNQYVDFFTV
NPMEHAELSKISIHTAADYSWNMDNYDYDKAWNRAIDMLYGDLAEDMKVFANHSTRMDNKTWAKSGREDAPELRAKMDEL
WNKLSSKEDASALIEELYGEFARMEEACNNLKANLPEVALEECSRQLDELITLAQGDKASLDMIVAQLNEDTEAYESAKE
IAQNKLNTALSSFAVISEKVAQSFIQEALS
;
A
2 'polypeptide(L)' VPYSSAQ T
#
loop_
_chem_comp.id
_chem_comp.type
_chem_comp.name
_chem_comp.formula
CD non-polymer 'CADMIUM ION' 'Cd 2'
NAG D-saccharide, beta linking 2-acetamido-2-deoxy-beta-D-glucopyranose 'C8 H15 N O6'
#
# COMPACT_ATOMS: atom_id res chain seq x y z
N ASN A 11 23.81 -8.24 -25.92
CA ASN A 11 23.96 -6.86 -26.49
C ASN A 11 23.34 -5.74 -25.61
N GLN A 12 22.05 -5.43 -25.79
CA GLN A 12 21.41 -4.36 -25.02
C GLN A 12 20.84 -4.81 -23.68
N VAL A 13 20.71 -3.87 -22.75
CA VAL A 13 20.17 -4.11 -21.41
C VAL A 13 18.81 -3.44 -21.30
N LEU A 14 17.76 -4.23 -21.10
CA LEU A 14 16.38 -3.70 -21.04
C LEU A 14 16.13 -3.04 -19.69
N VAL A 15 15.21 -2.10 -19.67
CA VAL A 15 14.82 -1.52 -18.41
C VAL A 15 13.92 -2.54 -17.72
N PRO A 16 14.29 -2.98 -16.51
CA PRO A 16 13.55 -3.94 -15.70
C PRO A 16 12.27 -3.32 -15.19
N ASN A 17 11.43 -4.13 -14.55
CA ASN A 17 10.34 -3.62 -13.71
C ASN A 17 10.82 -2.58 -12.67
N LEU A 18 10.21 -1.41 -12.70
CA LEU A 18 10.47 -0.41 -11.70
C LEU A 18 9.18 -0.05 -10.95
N ASN A 19 9.29 0.16 -9.65
CA ASN A 19 8.15 0.65 -8.86
C ASN A 19 8.60 1.68 -7.84
N PRO A 20 7.98 2.88 -7.81
CA PRO A 20 6.99 3.43 -8.72
C PRO A 20 7.55 3.68 -10.11
N THR A 21 6.63 3.92 -11.05
CA THR A 21 7.00 4.34 -12.40
C THR A 21 7.62 5.75 -12.38
N PRO A 22 8.88 5.87 -12.81
CA PRO A 22 9.48 7.19 -12.92
C PRO A 22 8.70 8.04 -13.91
N GLU A 23 8.55 9.33 -13.60
CA GLU A 23 7.86 10.25 -14.49
C GLU A 23 8.52 10.31 -15.88
N ASN A 24 9.82 10.61 -15.91
CA ASN A 24 10.51 10.73 -17.18
C ASN A 24 11.64 9.74 -17.26
N LEU A 25 11.61 8.88 -18.28
CA LEU A 25 12.69 7.93 -18.48
C LEU A 25 12.95 7.76 -19.95
N GLU A 26 14.20 7.91 -20.34
CA GLU A 26 14.58 7.68 -21.72
C GLU A 26 15.78 6.80 -21.80
N VAL A 27 15.72 5.79 -22.67
CA VAL A 27 16.90 4.98 -22.91
C VAL A 27 17.80 5.82 -23.82
N VAL A 28 19.05 5.98 -23.40
CA VAL A 28 20.01 6.78 -24.16
C VAL A 28 21.18 5.96 -24.69
N GLY A 29 21.22 4.66 -24.38
CA GLY A 29 22.24 3.77 -24.92
C GLY A 29 21.94 2.30 -24.74
N ASP A 30 22.90 1.45 -25.11
CA ASP A 30 22.73 0.00 -25.06
C ASP A 30 22.72 -0.57 -23.65
N GLY A 31 23.28 0.18 -22.69
CA GLY A 31 23.44 -0.30 -21.32
C GLY A 31 24.87 -0.74 -21.13
N PHE A 32 25.30 -0.97 -19.90
CA PHE A 32 26.63 -1.52 -19.67
C PHE A 32 26.67 -2.34 -18.41
N LYS A 33 27.70 -3.17 -18.29
CA LYS A 33 27.97 -3.95 -17.08
C LYS A 33 28.78 -3.07 -16.15
N ILE A 34 28.39 -3.02 -14.88
CA ILE A 34 29.13 -2.30 -13.84
C ILE A 34 30.33 -3.16 -13.42
N THR A 35 31.49 -2.56 -13.27
CA THR A 35 32.70 -3.33 -12.99
C THR A 35 32.74 -3.85 -11.56
N SER A 36 33.54 -4.90 -11.31
CA SER A 36 33.81 -5.51 -9.98
C SER A 36 33.91 -4.52 -8.85
N SER A 37 34.56 -3.39 -9.12
CA SER A 37 34.68 -2.36 -8.12
C SER A 37 34.51 -1.00 -8.81
N ILE A 38 33.97 -0.02 -8.08
CA ILE A 38 33.55 1.23 -8.72
C ILE A 38 34.18 2.46 -8.03
N ASN A 39 34.26 3.59 -8.73
CA ASN A 39 34.67 4.81 -8.09
C ASN A 39 33.42 5.46 -7.51
N LEU A 40 33.47 5.80 -6.23
CA LEU A 40 32.35 6.44 -5.63
C LEU A 40 32.76 7.86 -5.30
N VAL A 41 31.98 8.83 -5.76
CA VAL A 41 32.31 10.23 -5.63
C VAL A 41 31.09 10.93 -5.02
N GLY A 42 31.34 11.87 -4.10
CA GLY A 42 30.27 12.65 -3.53
C GLY A 42 29.75 12.13 -2.21
N GLU A 43 30.18 10.91 -1.82
CA GLU A 43 29.64 10.25 -0.61
C GLU A 43 29.86 10.99 0.72
N GLU A 44 30.88 11.83 0.77
CA GLU A 44 31.15 12.66 1.95
C GLU A 44 30.05 13.71 2.21
N GLU A 45 29.54 14.35 1.15
CA GLU A 45 28.53 15.41 1.31
C GLU A 45 27.10 14.93 1.05
N ALA A 46 26.98 13.79 0.37
CA ALA A 46 25.67 13.27 -0.03
C ALA A 46 24.91 12.75 1.20
N ASP A 47 23.58 12.69 1.09
CA ASP A 47 22.72 12.16 2.15
C ASP A 47 23.26 10.88 2.77
N GLU A 48 23.43 10.91 4.09
CA GLU A 48 23.91 9.76 4.88
C GLU A 48 23.08 8.46 4.66
N ASN A 49 21.77 8.60 4.59
CA ASN A 49 20.88 7.46 4.36
C ASN A 49 20.91 6.90 2.93
N ALA A 50 20.99 7.78 1.93
CA ALA A 50 21.17 7.37 0.55
C ALA A 50 22.44 6.56 0.35
N VAL A 51 23.54 7.06 0.92
CA VAL A 51 24.85 6.41 0.85
C VAL A 51 24.88 5.05 1.56
N ASN A 52 24.30 4.96 2.77
CA ASN A 52 24.16 3.67 3.43
C ASN A 52 23.31 2.71 2.58
N ALA A 53 22.16 3.17 2.09
CA ALA A 53 21.35 2.33 1.19
C ALA A 53 22.21 1.81 0.07
N LEU A 54 22.99 2.70 -0.53
CA LEU A 54 23.83 2.38 -1.67
C LEU A 54 24.95 1.42 -1.30
N ARG A 55 25.55 1.64 -0.13
CA ARG A 55 26.58 0.76 0.43
C ARG A 55 26.09 -0.66 0.65
N GLU A 56 24.91 -0.81 1.25
CA GLU A 56 24.31 -2.15 1.44
C GLU A 56 24.09 -2.87 0.12
N PHE A 57 23.59 -2.17 -0.88
CA PHE A 57 23.31 -2.79 -2.16
C PHE A 57 24.60 -3.24 -2.81
N LEU A 58 25.62 -2.41 -2.73
CA LEU A 58 26.90 -2.73 -3.33
C LEU A 58 27.49 -3.97 -2.67
N THR A 59 27.47 -3.99 -1.33
CA THR A 59 27.98 -5.13 -0.59
C THR A 59 27.17 -6.41 -0.93
N ALA A 60 25.85 -6.29 -1.03
CA ALA A 60 25.02 -7.46 -1.26
C ALA A 60 25.28 -8.00 -2.65
N ASN A 61 25.79 -7.16 -3.53
CA ASN A 61 26.04 -7.59 -4.90
C ASN A 61 27.53 -7.72 -5.29
N ASN A 62 28.39 -7.85 -4.28
CA ASN A 62 29.84 -8.04 -4.45
C ASN A 62 30.48 -7.00 -5.34
N ILE A 63 30.09 -5.74 -5.15
CA ILE A 63 30.78 -4.64 -5.84
C ILE A 63 31.56 -3.91 -4.77
N GLU A 64 32.87 -3.81 -4.96
CA GLU A 64 33.73 -3.11 -4.01
C GLU A 64 33.84 -1.61 -4.39
N ILE A 65 34.13 -0.77 -3.41
CA ILE A 65 34.44 0.62 -3.68
C ILE A 65 35.94 0.77 -3.64
N ASN A 66 36.49 1.38 -4.69
CA ASN A 66 37.93 1.59 -4.77
C ASN A 66 38.37 2.60 -3.72
N SER A 67 39.58 2.40 -3.20
CA SER A 67 40.21 3.37 -2.29
C SER A 67 40.71 4.58 -3.07
N GLU A 68 41.20 4.30 -4.28
CA GLU A 68 41.79 5.34 -5.10
C GLU A 68 41.23 5.22 -6.50
N ASN A 69 40.86 6.38 -7.02
CA ASN A 69 40.20 6.40 -8.30
C ASN A 69 40.95 5.55 -9.28
N ASP A 70 40.25 4.61 -9.89
CA ASP A 70 40.79 3.88 -11.02
C ASP A 70 39.95 4.21 -12.21
N PRO A 71 40.57 4.84 -13.23
CA PRO A 71 39.84 5.31 -14.43
C PRO A 71 39.28 4.20 -15.32
N ASN A 72 39.59 2.93 -15.02
CA ASN A 72 39.02 1.81 -15.81
C ASN A 72 37.77 1.18 -15.17
N SER A 73 37.20 1.87 -14.19
CA SER A 73 36.08 1.32 -13.42
C SER A 73 34.87 2.21 -13.51
N THR A 74 33.68 1.61 -13.41
CA THR A 74 32.45 2.40 -13.36
C THR A 74 32.61 3.47 -12.27
N THR A 75 32.02 4.63 -12.50
CA THR A 75 32.06 5.70 -11.54
C THR A 75 30.63 6.07 -11.24
N LEU A 76 30.36 6.25 -9.96
CA LEU A 76 29.04 6.56 -9.46
C LEU A 76 29.17 7.86 -8.68
N ILE A 77 28.53 8.92 -9.16
CA ILE A 77 28.53 10.21 -8.47
C ILE A 77 27.17 10.42 -7.81
N ILE A 78 27.15 10.97 -6.62
CA ILE A 78 25.92 11.09 -5.85
C ILE A 78 25.95 12.36 -5.04
N GLY A 79 24.81 13.01 -4.88
CA GLY A 79 24.71 14.24 -4.08
C GLY A 79 23.39 14.95 -4.25
N GLU A 80 23.17 16.00 -3.48
CA GLU A 80 22.00 16.85 -3.63
C GLU A 80 22.37 18.09 -4.46
N VAL A 81 21.35 18.74 -4.99
CA VAL A 81 21.51 20.02 -5.66
C VAL A 81 22.41 20.94 -4.80
N ASP A 82 22.02 21.06 -3.53
CA ASP A 82 22.61 21.98 -2.58
C ASP A 82 23.97 21.58 -2.08
N ASP A 83 24.55 20.53 -2.67
CA ASP A 83 25.98 20.24 -2.52
C ASP A 83 26.77 20.87 -3.64
N ASP A 84 27.91 21.49 -3.28
CA ASP A 84 28.83 22.01 -4.31
C ASP A 84 29.77 20.91 -4.78
N ILE A 85 29.30 20.14 -5.76
CA ILE A 85 30.08 19.11 -6.39
C ILE A 85 29.88 19.28 -7.91
N PRO A 86 30.87 19.93 -8.55
CA PRO A 86 30.90 20.12 -10.02
C PRO A 86 30.96 18.81 -10.83
N GLU A 87 31.72 17.79 -10.35
CA GLU A 87 31.87 16.48 -11.06
C GLU A 87 30.51 15.77 -11.33
N LEU A 88 29.52 16.11 -10.50
CA LEU A 88 28.16 15.58 -10.62
C LEU A 88 27.43 16.28 -11.73
N ASP A 89 27.44 17.62 -11.70
CA ASP A 89 26.82 18.42 -12.76
C ASP A 89 27.39 18.09 -14.18
N GLU A 90 28.68 17.78 -14.27
CA GLU A 90 29.30 17.29 -15.51
C GLU A 90 28.69 15.94 -15.95
N ALA A 91 28.40 15.06 -14.98
CA ALA A 91 27.90 13.70 -15.29
C ALA A 91 26.41 13.63 -15.68
N LEU A 92 25.64 14.64 -15.29
CA LEU A 92 24.21 14.68 -15.60
C LEU A 92 23.91 15.14 -17.03
N ASN A 93 24.96 15.59 -17.71
CA ASN A 93 24.87 16.05 -19.09
C ASN A 93 23.68 16.99 -19.30
N GLY A 94 23.63 18.07 -18.52
CA GLY A 94 22.62 19.12 -18.70
C GLY A 94 21.24 18.77 -18.17
N THR A 95 21.14 17.59 -17.58
CA THR A 95 19.91 17.17 -16.87
C THR A 95 20.11 17.59 -15.41
N THR A 96 19.06 18.07 -14.74
CA THR A 96 19.20 18.53 -13.35
C THR A 96 17.97 18.25 -12.49
N ALA A 97 18.20 18.08 -11.20
CA ALA A 97 17.14 18.03 -10.21
C ALA A 97 16.80 19.39 -9.60
N GLU A 98 17.52 20.43 -9.99
CA GLU A 98 17.26 21.77 -9.45
C GLU A 98 15.80 22.24 -9.54
N ASN A 99 15.13 21.97 -10.65
CA ASN A 99 13.79 22.55 -10.88
C ASN A 99 12.66 21.62 -10.46
N LEU A 100 13.03 20.45 -9.89
CA LEU A 100 12.05 19.44 -9.46
C LEU A 100 11.44 19.77 -8.11
N LYS A 101 10.22 19.29 -7.86
CA LYS A 101 9.66 19.46 -6.51
C LYS A 101 10.44 18.64 -5.45
N GLU A 102 10.21 18.93 -4.17
CA GLU A 102 10.90 18.20 -3.11
C GLU A 102 10.71 16.67 -3.23
N GLU A 103 11.75 15.93 -2.86
CA GLU A 103 11.79 14.47 -3.03
C GLU A 103 12.08 14.01 -4.43
N GLY A 104 12.22 14.93 -5.37
CA GLY A 104 12.51 14.54 -6.76
C GLY A 104 13.99 14.30 -6.94
N TYR A 105 14.39 13.72 -8.06
CA TYR A 105 15.81 13.48 -8.30
C TYR A 105 16.04 13.36 -9.81
N ALA A 106 17.30 13.45 -10.22
CA ALA A 106 17.73 13.09 -11.57
C ALA A 106 18.71 11.93 -11.51
N LEU A 107 18.64 11.06 -12.51
CA LEU A 107 19.52 9.91 -12.58
C LEU A 107 19.95 9.72 -14.03
N VAL A 108 21.24 9.54 -14.24
CA VAL A 108 21.76 9.38 -15.56
C VAL A 108 22.77 8.26 -15.49
N SER A 109 22.64 7.22 -16.31
CA SER A 109 23.75 6.30 -16.57
C SER A 109 24.12 6.31 -18.07
N ASN A 110 25.31 6.84 -18.41
CA ASN A 110 25.84 6.70 -19.78
C ASN A 110 27.35 6.51 -19.69
N ASP A 111 27.90 5.73 -20.61
CA ASP A 111 29.34 5.76 -20.85
C ASP A 111 30.08 5.49 -19.55
N GLY A 112 29.60 4.49 -18.81
CA GLY A 112 30.32 4.04 -17.61
C GLY A 112 30.25 4.94 -16.38
N LYS A 113 29.35 5.93 -16.39
CA LYS A 113 29.10 6.80 -15.24
C LYS A 113 27.63 6.73 -14.80
N ILE A 114 27.41 6.62 -13.49
CA ILE A 114 26.07 6.74 -12.94
C ILE A 114 26.00 7.96 -12.02
N ALA A 115 25.18 8.93 -12.37
CA ALA A 115 25.08 10.13 -11.55
C ALA A 115 23.72 10.16 -10.93
N ILE A 116 23.65 10.47 -9.64
CA ILE A 116 22.36 10.64 -8.99
C ILE A 116 22.35 11.99 -8.29
N GLU A 117 21.36 12.81 -8.60
CA GLU A 117 21.23 14.10 -7.93
C GLU A 117 19.85 14.28 -7.34
N GLY A 118 19.77 14.29 -6.02
CA GLY A 118 18.50 14.52 -5.40
C GLY A 118 18.16 16.00 -5.30
N LYS A 119 16.89 16.34 -5.46
CA LYS A 119 16.45 17.70 -5.16
C LYS A 119 16.76 18.04 -3.69
N ASP A 120 16.67 17.03 -2.83
CA ASP A 120 17.05 17.14 -1.44
C ASP A 120 17.52 15.74 -1.08
N GLY A 121 17.78 15.52 0.20
CA GLY A 121 18.21 14.22 0.71
C GLY A 121 17.22 13.08 0.49
N ASP A 122 15.94 13.33 0.74
CA ASP A 122 14.90 12.35 0.47
C ASP A 122 15.07 11.95 -1.01
N GLY A 123 15.15 12.95 -1.88
CA GLY A 123 15.39 12.75 -3.31
C GLY A 123 16.57 11.89 -3.66
N THR A 124 17.70 12.08 -2.98
CA THR A 124 18.89 11.30 -3.24
C THR A 124 18.70 9.85 -2.84
N PHE A 125 18.01 9.64 -1.73
CA PHE A 125 17.70 8.30 -1.25
C PHE A 125 16.81 7.57 -2.29
N TYR A 126 15.84 8.30 -2.83
CA TYR A 126 14.95 7.74 -3.84
C TYR A 126 15.66 7.46 -5.16
N GLY A 127 16.60 8.33 -5.56
CA GLY A 127 17.50 8.05 -6.66
C GLY A 127 18.28 6.74 -6.51
N VAL A 128 18.80 6.52 -5.30
CA VAL A 128 19.38 5.21 -4.97
C VAL A 128 18.38 4.05 -5.09
N GLN A 129 17.14 4.23 -4.63
CA GLN A 129 16.16 3.15 -4.80
C GLN A 129 15.98 2.73 -6.27
N THR A 130 15.77 3.71 -7.14
CA THR A 130 15.63 3.47 -8.57
C THR A 130 16.87 2.81 -9.14
N PHE A 131 18.03 3.31 -8.77
CA PHE A 131 19.29 2.69 -9.13
C PHE A 131 19.28 1.21 -8.84
N LYS A 132 18.97 0.86 -7.58
CA LYS A 132 18.84 -0.54 -7.11
C LYS A 132 17.91 -1.41 -7.94
N GLN A 133 16.82 -0.85 -8.44
CA GLN A 133 15.88 -1.60 -9.23
C GLN A 133 16.39 -1.81 -10.65
N LEU A 134 17.11 -0.81 -11.17
CA LEU A 134 17.66 -0.84 -12.55
C LEU A 134 18.75 -1.88 -12.75
N VAL A 135 19.50 -2.20 -11.69
CA VAL A 135 20.63 -3.12 -11.80
C VAL A 135 20.25 -4.60 -11.64
N LYS A 136 20.62 -5.41 -12.65
CA LYS A 136 20.44 -6.86 -12.65
C LYS A 136 21.73 -7.56 -13.06
N GLU A 137 22.31 -8.35 -12.15
CA GLU A 137 23.54 -9.12 -12.42
C GLU A 137 24.63 -8.19 -12.97
N SER A 138 24.75 -7.01 -12.35
CA SER A 138 25.72 -5.99 -12.73
C SER A 138 25.42 -5.15 -13.98
N ASN A 139 24.41 -5.54 -14.75
CA ASN A 139 24.03 -4.78 -15.93
C ASN A 139 23.05 -3.67 -15.59
N ILE A 140 23.30 -2.48 -16.13
CA ILE A 140 22.40 -1.35 -15.97
C ILE A 140 22.07 -0.78 -17.35
N PRO A 141 20.81 -0.39 -17.58
CA PRO A 141 20.58 0.28 -18.83
C PRO A 141 21.15 1.69 -18.77
N GLU A 142 21.36 2.31 -19.92
CA GLU A 142 21.75 3.70 -20.01
C GLU A 142 20.49 4.53 -20.19
N VAL A 143 20.17 5.33 -19.18
CA VAL A 143 18.91 6.07 -19.16
C VAL A 143 19.12 7.51 -18.68
N ASN A 144 18.19 8.40 -18.98
CA ASN A 144 18.18 9.71 -18.36
C ASN A 144 16.83 9.83 -17.66
N ILE A 145 16.86 10.00 -16.35
CA ILE A 145 15.65 10.04 -15.57
C ILE A 145 15.62 11.37 -14.84
N THR A 146 14.44 11.99 -14.83
CA THR A 146 14.07 12.96 -13.83
C THR A 146 12.75 12.44 -13.27
N ASP A 147 12.56 12.56 -11.96
CA ASP A 147 11.47 11.87 -11.31
C ASP A 147 11.04 12.60 -10.04
N TYR A 148 9.77 12.46 -9.66
CA TYR A 148 9.16 13.19 -8.54
C TYR A 148 7.74 12.67 -8.30
N PRO A 149 7.24 12.76 -7.05
CA PRO A 149 5.93 12.27 -6.65
C PRO A 149 4.80 13.24 -6.93
N THR A 150 3.66 12.70 -7.33
CA THR A 150 2.44 13.44 -7.46
C THR A 150 1.98 13.90 -6.06
N VAL A 151 1.82 12.95 -5.15
CA VAL A 151 1.31 13.23 -3.80
C VAL A 151 2.48 13.30 -2.84
N SER A 152 2.51 14.33 -1.99
CA SER A 152 3.71 14.57 -1.20
C SER A 152 3.81 13.68 0.05
N ALA A 153 2.69 13.20 0.59
CA ALA A 153 2.71 12.19 1.65
C ALA A 153 2.04 10.91 1.15
N ARG A 154 2.77 9.80 1.19
CA ARG A 154 2.35 8.54 0.61
C ARG A 154 2.68 7.46 1.62
N GLY A 155 1.74 6.57 1.90
CA GLY A 155 2.07 5.50 2.80
C GLY A 155 0.95 4.77 3.49
N ILE A 156 1.18 4.42 4.76
CA ILE A 156 0.40 3.43 5.46
C ILE A 156 -0.03 3.93 6.81
N VAL A 157 -1.29 3.70 7.14
CA VAL A 157 -1.77 3.87 8.52
C VAL A 157 -2.10 2.47 9.07
N GLU A 158 -1.32 2.01 10.05
CA GLU A 158 -1.66 0.79 10.75
C GLU A 158 -2.72 1.17 11.75
N GLY A 159 -3.97 1.16 11.29
CA GLY A 159 -5.08 1.65 12.11
C GLY A 159 -6.25 0.69 12.13
N PHE A 160 -6.00 -0.58 11.86
CA PHE A 160 -7.03 -1.60 11.86
C PHE A 160 -7.30 -2.20 13.25
N TYR A 161 -8.48 -2.82 13.37
CA TYR A 161 -8.84 -3.63 14.52
C TYR A 161 -8.27 -5.03 14.35
N GLY A 162 -7.98 -5.68 15.47
CA GLY A 162 -7.40 -7.01 15.44
C GLY A 162 -5.95 -6.95 15.88
N THR A 163 -5.28 -8.11 15.88
CA THR A 163 -3.87 -8.23 16.31
C THR A 163 -2.93 -7.27 15.57
N PRO A 164 -2.39 -6.27 16.29
CA PRO A 164 -1.44 -5.34 15.69
C PRO A 164 -0.25 -6.10 15.07
N TRP A 165 0.42 -5.48 14.09
CA TRP A 165 1.65 -6.04 13.56
C TRP A 165 2.71 -6.17 14.65
N THR A 166 3.57 -7.17 14.52
CA THR A 166 4.65 -7.37 15.48
C THR A 166 5.77 -6.38 15.23
N HIS A 167 6.71 -6.31 16.17
CA HIS A 167 7.93 -5.55 15.96
C HIS A 167 8.68 -5.95 14.66
N GLN A 168 8.81 -7.26 14.41
CA GLN A 168 9.55 -7.74 13.25
C GLN A 168 8.80 -7.38 11.97
N ASP A 169 7.47 -7.39 12.01
CA ASP A 169 6.62 -7.04 10.87
C ASP A 169 6.84 -5.56 10.47
N ARG A 170 6.85 -4.69 11.49
CA ARG A 170 6.98 -3.25 11.27
C ARG A 170 8.31 -2.85 10.68
N LEU A 171 9.40 -3.43 11.21
CA LEU A 171 10.74 -3.15 10.73
C LEU A 171 10.89 -3.54 9.27
N ASP A 172 10.34 -4.70 8.92
CA ASP A 172 10.40 -5.20 7.56
C ASP A 172 9.50 -4.36 6.64
N GLN A 173 8.37 -3.91 7.13
CA GLN A 173 7.51 -3.01 6.36
C GLN A 173 8.23 -1.72 6.03
N ILE A 174 8.87 -1.11 7.02
CA ILE A 174 9.60 0.12 6.83
C ILE A 174 10.71 0.02 5.78
N LYS A 175 11.45 -1.07 5.74
CA LYS A 175 12.36 -1.31 4.62
C LYS A 175 11.60 -1.31 3.33
N PHE A 176 10.42 -1.92 3.32
CA PHE A 176 9.67 -2.10 2.09
C PHE A 176 9.15 -0.73 1.59
N TYR A 177 8.71 0.12 2.51
CA TYR A 177 8.27 1.46 2.16
C TYR A 177 9.40 2.24 1.53
N GLY A 178 10.55 2.28 2.20
CA GLY A 178 11.72 2.95 1.69
C GLY A 178 12.00 2.58 0.25
N GLU A 179 12.05 1.26 -0.02
CA GLU A 179 12.38 0.73 -1.34
C GLU A 179 11.35 1.09 -2.44
N ASN A 180 10.15 1.48 -2.03
CA ASN A 180 9.05 1.81 -2.95
C ASN A 180 8.63 3.27 -2.83
N LYS A 181 9.49 4.10 -2.23
CA LYS A 181 9.34 5.56 -2.12
C LYS A 181 8.05 5.99 -1.40
N LEU A 182 7.57 5.16 -0.48
CA LEU A 182 6.52 5.53 0.45
C LEU A 182 7.20 6.19 1.62
N ASN A 183 6.71 7.35 2.03
CA ASN A 183 7.40 8.17 3.04
C ASN A 183 6.66 8.39 4.34
N THR A 184 5.53 7.73 4.54
CA THR A 184 4.69 7.93 5.72
C THR A 184 4.27 6.59 6.31
N TYR A 185 4.42 6.47 7.61
CA TYR A 185 3.88 5.33 8.36
C TYR A 185 3.26 5.84 9.65
N ILE A 186 1.95 5.66 9.77
CA ILE A 186 1.22 6.15 10.91
C ILE A 186 0.99 4.99 11.86
N TYR A 187 1.44 5.16 13.08
CA TYR A 187 1.27 4.16 14.09
C TYR A 187 -0.02 4.42 14.84
N ALA A 188 -1.05 3.62 14.61
CA ALA A 188 -2.34 3.84 15.27
C ALA A 188 -3.21 2.57 15.45
N PRO A 189 -2.61 1.47 15.95
CA PRO A 189 -3.41 0.23 15.96
C PRO A 189 -4.52 0.28 16.99
N LYS A 190 -5.73 -0.12 16.60
CA LYS A 190 -6.92 0.10 17.44
C LYS A 190 -6.80 -0.66 18.72
N ASP A 191 -6.14 -1.82 18.65
CA ASP A 191 -6.02 -2.70 19.81
C ASP A 191 -4.70 -2.62 20.54
N ASP A 192 -3.88 -1.62 20.25
CA ASP A 192 -2.78 -1.28 21.15
C ASP A 192 -3.40 -0.52 22.34
N PRO A 193 -3.32 -1.09 23.55
CA PRO A 193 -3.98 -0.40 24.66
C PRO A 193 -3.49 1.03 24.91
N TYR A 194 -2.19 1.28 24.77
CA TYR A 194 -1.65 2.62 25.06
C TYR A 194 -1.95 3.63 23.95
N HIS A 195 -2.43 3.13 22.82
CA HIS A 195 -2.86 4.01 21.76
C HIS A 195 -4.24 4.61 22.02
N ARG A 196 -5.15 3.82 22.60
CA ARG A 196 -6.58 4.13 22.63
C ARG A 196 -7.26 3.82 23.98
N GLU A 197 -7.51 2.53 24.24
CA GLU A 197 -8.17 2.08 25.48
C GLU A 197 -7.58 2.75 26.74
N LYS A 198 -6.26 2.89 26.78
CA LYS A 198 -5.57 3.46 27.93
C LYS A 198 -4.53 4.50 27.49
N TRP A 199 -4.97 5.42 26.63
CA TRP A 199 -4.14 6.41 25.98
C TRP A 199 -3.32 7.31 26.92
N ARG A 200 -3.80 7.47 28.16
CA ARG A 200 -3.13 8.30 29.20
C ARG A 200 -1.86 7.68 29.72
N GLU A 201 -1.80 6.35 29.69
CA GLU A 201 -0.69 5.60 30.28
C GLU A 201 0.60 5.56 29.46
N PRO A 202 1.77 5.73 30.12
CA PRO A 202 3.01 5.69 29.36
C PRO A 202 3.29 4.25 28.90
N TYR A 203 3.96 4.13 27.75
CA TYR A 203 4.55 2.88 27.35
C TYR A 203 5.60 2.47 28.37
N PRO A 204 5.68 1.16 28.70
CA PRO A 204 6.72 0.64 29.58
C PRO A 204 8.10 0.74 28.90
N GLU A 205 9.17 0.57 29.68
CA GLU A 205 10.55 0.77 29.21
C GLU A 205 10.81 -0.03 27.95
N SER A 206 10.39 -1.29 27.96
CA SER A 206 10.67 -2.17 26.84
C SER A 206 9.91 -1.82 25.56
N GLU A 207 8.66 -1.37 25.68
CA GLU A 207 7.95 -0.88 24.50
C GLU A 207 8.64 0.37 23.99
N MET A 208 9.13 1.21 24.89
CA MET A 208 9.85 2.40 24.48
C MET A 208 11.12 2.08 23.71
N GLN A 209 11.83 1.04 24.12
CA GLN A 209 12.97 0.53 23.36
C GLN A 209 12.58 0.00 21.99
N ARG A 210 11.39 -0.60 21.86
CA ARG A 210 10.97 -1.08 20.56
C ARG A 210 10.59 0.10 19.67
N MET A 211 10.04 1.16 20.26
CA MET A 211 9.68 2.37 19.51
C MET A 211 10.93 3.05 18.96
N GLN A 212 11.96 3.12 19.80
CA GLN A 212 13.23 3.72 19.42
C GLN A 212 13.75 3.04 18.16
N GLU A 213 13.71 1.70 18.12
CA GLU A 213 14.18 0.95 16.95
C GLU A 213 13.39 1.26 15.70
N LEU A 214 12.07 1.39 15.87
CA LEU A 214 11.16 1.81 14.82
C LEU A 214 11.43 3.20 14.29
N ILE A 215 11.71 4.15 15.19
CA ILE A 215 11.98 5.53 14.81
C ILE A 215 13.30 5.58 14.02
N ASN A 216 14.29 4.86 14.52
CA ASN A 216 15.56 4.80 13.86
C ASN A 216 15.46 4.23 12.47
N ALA A 217 14.65 3.17 12.31
CA ALA A 217 14.60 2.46 11.03
C ALA A 217 13.84 3.32 10.06
N SER A 218 12.86 4.07 10.57
CA SER A 218 12.09 5.00 9.77
C SER A 218 12.99 6.09 9.20
N ALA A 219 13.81 6.68 10.05
CA ALA A 219 14.73 7.72 9.62
C ALA A 219 15.68 7.14 8.61
N GLU A 220 16.21 5.96 8.89
CA GLU A 220 17.04 5.22 7.94
C GLU A 220 16.44 5.03 6.54
N ASN A 221 15.13 4.97 6.46
CA ASN A 221 14.45 4.65 5.23
C ASN A 221 13.62 5.78 4.71
N LYS A 222 13.90 7.00 5.22
CA LYS A 222 13.24 8.26 4.82
C LYS A 222 11.75 8.24 5.01
N VAL A 223 11.30 7.49 6.00
CA VAL A 223 9.90 7.33 6.30
C VAL A 223 9.59 8.25 7.47
N ASP A 224 8.56 9.09 7.34
CA ASP A 224 8.03 9.82 8.48
C ASP A 224 7.17 8.91 9.37
N PHE A 225 7.71 8.56 10.53
CA PHE A 225 6.96 7.79 11.49
C PHE A 225 6.01 8.75 12.17
N VAL A 226 4.72 8.50 12.02
CA VAL A 226 3.69 9.33 12.65
C VAL A 226 3.14 8.61 13.88
N PHE A 227 3.29 9.23 15.04
CA PHE A 227 2.76 8.64 16.23
C PHE A 227 1.35 9.13 16.48
N GLY A 228 0.39 8.21 16.34
CA GLY A 228 -1.01 8.53 16.53
C GLY A 228 -1.48 8.27 17.94
N ILE A 229 -2.52 8.99 18.35
CA ILE A 229 -3.17 8.72 19.62
C ILE A 229 -4.66 9.00 19.47
N SER A 230 -5.47 8.14 20.07
CA SER A 230 -6.94 8.21 19.99
C SER A 230 -7.52 8.26 21.38
N PRO A 231 -7.72 9.48 21.92
CA PRO A 231 -8.23 9.68 23.24
C PRO A 231 -9.77 9.92 23.32
N GLY A 232 -10.47 9.78 22.19
CA GLY A 232 -11.90 10.19 22.11
C GLY A 232 -12.91 9.38 22.93
N ILE A 233 -12.46 8.26 23.49
CA ILE A 233 -13.31 7.39 24.26
C ILE A 233 -13.70 8.05 25.57
N ASP A 234 -12.74 8.66 26.28
CA ASP A 234 -13.00 9.15 27.64
C ASP A 234 -12.26 10.45 28.03
N ILE A 235 -11.90 11.28 27.06
CA ILE A 235 -11.16 12.49 27.32
C ILE A 235 -12.12 13.53 27.87
N ARG A 236 -11.63 14.34 28.81
CA ARG A 236 -12.45 15.42 29.39
C ARG A 236 -11.93 16.72 28.77
N PHE A 237 -12.86 17.60 28.36
CA PHE A 237 -12.52 18.86 27.71
C PHE A 237 -12.52 20.10 28.61
N ASP A 238 -13.29 20.08 29.71
CA ASP A 238 -13.53 21.30 30.50
C ASP A 238 -12.82 21.34 31.84
N GLY A 239 -12.58 22.56 32.34
CA GLY A 239 -11.95 22.78 33.64
C GLY A 239 -10.65 22.05 33.88
N ASP A 240 -10.36 21.80 35.16
CA ASP A 240 -9.13 21.12 35.57
C ASP A 240 -8.92 19.71 34.99
N ALA A 241 -10.02 18.98 34.73
CA ALA A 241 -9.95 17.69 34.08
C ALA A 241 -9.49 17.84 32.62
N GLY A 242 -9.88 18.94 31.98
CA GLY A 242 -9.52 19.21 30.60
C GLY A 242 -8.04 19.51 30.52
N GLU A 243 -7.55 20.30 31.46
CA GLU A 243 -6.14 20.63 31.52
C GLU A 243 -5.37 19.35 31.67
N GLU A 244 -5.71 18.61 32.72
CA GLU A 244 -5.05 17.36 33.05
C GLU A 244 -5.02 16.39 31.88
N ASP A 245 -6.13 16.26 31.16
CA ASP A 245 -6.21 15.33 30.05
C ASP A 245 -5.46 15.83 28.83
N PHE A 246 -5.51 17.15 28.60
CA PHE A 246 -4.68 17.73 27.58
C PHE A 246 -3.19 17.51 27.92
N ASN A 247 -2.80 17.75 29.17
CA ASN A 247 -1.41 17.54 29.55
C ASN A 247 -0.99 16.08 29.38
N HIS A 248 -1.94 15.17 29.38
CA HIS A 248 -1.63 13.76 29.13
C HIS A 248 -1.26 13.53 27.66
N LEU A 249 -1.94 14.22 26.74
CA LEU A 249 -1.53 14.21 25.35
C LEU A 249 -0.10 14.72 25.26
N ILE A 250 0.17 15.89 25.83
CA ILE A 250 1.47 16.53 25.69
C ILE A 250 2.60 15.65 26.23
N THR A 251 2.35 15.01 27.36
CA THR A 251 3.34 14.16 28.00
C THR A 251 3.67 12.97 27.09
N LYS A 252 2.62 12.37 26.55
CA LYS A 252 2.74 11.21 25.69
C LYS A 252 3.52 11.57 24.40
N ALA A 253 3.07 12.60 23.69
CA ALA A 253 3.72 13.11 22.49
C ALA A 253 5.16 13.52 22.78
N GLU A 254 5.40 14.12 23.94
CA GLU A 254 6.76 14.58 24.30
C GLU A 254 7.75 13.45 24.43
N SER A 255 7.29 12.33 24.95
CA SER A 255 8.20 11.20 25.17
C SER A 255 8.47 10.46 23.87
N LEU A 256 7.64 10.68 22.85
CA LEU A 256 7.98 10.21 21.51
C LEU A 256 8.80 11.23 20.73
N TYR A 257 8.59 12.52 21.01
CA TYR A 257 9.41 13.55 20.48
C TYR A 257 10.83 13.33 20.94
N ASP A 258 10.96 12.97 22.22
CA ASP A 258 12.27 12.74 22.84
C ASP A 258 13.01 11.52 22.32
N MET A 259 12.33 10.63 21.62
CA MET A 259 13.03 9.53 20.97
C MET A 259 13.31 9.79 19.50
N GLY A 260 12.73 10.86 18.94
CA GLY A 260 13.03 11.27 17.58
C GLY A 260 11.84 11.45 16.66
N VAL A 261 10.61 11.25 17.17
CA VAL A 261 9.41 11.41 16.35
C VAL A 261 9.13 12.86 16.00
N ARG A 262 8.79 13.12 14.74
CA ARG A 262 8.53 14.48 14.30
C ARG A 262 7.17 14.66 13.62
N SER A 263 6.34 13.61 13.63
CA SER A 263 4.97 13.69 13.09
C SER A 263 4.01 13.08 14.07
N PHE A 264 2.84 13.70 14.24
CA PHE A 264 1.86 13.30 15.23
C PHE A 264 0.46 13.35 14.65
N ALA A 265 -0.41 12.49 15.19
CA ALA A 265 -1.78 12.37 14.73
C ALA A 265 -2.68 12.19 15.93
N ILE A 266 -3.80 12.92 15.94
CA ILE A 266 -4.82 12.74 16.98
C ILE A 266 -6.14 12.36 16.31
N TYR A 267 -6.62 11.18 16.67
CA TYR A 267 -7.74 10.55 16.00
C TYR A 267 -9.01 10.54 16.82
N TRP A 268 -10.11 10.89 16.15
CA TRP A 268 -11.43 10.95 16.76
C TRP A 268 -12.45 9.95 16.17
N ASP A 269 -12.03 9.03 15.29
CA ASP A 269 -12.95 8.04 14.69
C ASP A 269 -13.51 6.96 15.66
N ASN A 270 -14.75 6.53 15.39
CA ASN A 270 -15.40 5.40 16.09
C ASN A 270 -15.61 5.63 17.60
N ILE A 271 -16.15 6.80 17.93
CA ILE A 271 -16.37 7.19 19.33
C ILE A 271 -17.75 7.74 19.44
N GLN A 272 -18.34 7.65 20.64
CA GLN A 272 -19.71 8.16 20.91
C GLN A 272 -19.81 9.70 21.03
N ASP A 273 -18.78 10.31 21.60
CA ASP A 273 -18.79 11.75 21.81
C ASP A 273 -18.64 12.50 20.50
N LYS A 274 -19.61 13.36 20.19
CA LYS A 274 -19.57 14.11 18.94
C LYS A 274 -19.42 15.63 19.16
N SER A 275 -18.64 16.00 20.16
CA SER A 275 -18.36 17.40 20.47
C SER A 275 -17.34 18.01 19.49
N ALA A 276 -17.80 18.33 18.28
CA ALA A 276 -16.96 18.88 17.21
C ALA A 276 -16.04 19.98 17.64
N ALA A 277 -16.58 21.03 18.24
CA ALA A 277 -15.77 22.20 18.60
C ALA A 277 -14.68 21.82 19.61
N LYS A 278 -15.04 21.00 20.61
CA LYS A 278 -14.06 20.56 21.62
C LYS A 278 -12.95 19.67 21.04
N HIS A 279 -13.31 18.79 20.10
CA HIS A 279 -12.35 18.01 19.33
C HIS A 279 -11.40 18.95 18.61
N ALA A 280 -11.94 19.95 17.92
CA ALA A 280 -11.12 20.85 17.13
C ALA A 280 -10.32 21.76 18.04
N GLN A 281 -10.82 22.03 19.23
CA GLN A 281 -10.08 22.88 20.14
C GLN A 281 -8.84 22.15 20.70
N VAL A 282 -8.99 20.85 21.00
CA VAL A 282 -7.87 20.02 21.44
C VAL A 282 -6.76 20.04 20.40
N LEU A 283 -7.16 19.80 19.14
CA LEU A 283 -6.27 19.85 17.99
C LEU A 283 -5.51 21.18 17.82
N ASN A 284 -6.23 22.32 17.86
CA ASN A 284 -5.62 23.64 17.74
C ASN A 284 -4.67 23.94 18.89
N ARG A 285 -5.06 23.60 20.11
CA ARG A 285 -4.21 23.85 21.27
C ARG A 285 -2.90 23.07 21.14
N PHE A 286 -2.99 21.82 20.72
CA PHE A 286 -1.83 20.95 20.52
C PHE A 286 -0.94 21.48 19.38
N ASN A 287 -1.58 21.83 18.26
CA ASN A 287 -0.91 22.50 17.17
C ASN A 287 -0.12 23.75 17.64
N GLU A 288 -0.69 24.61 18.49
CA GLU A 288 0.06 25.78 18.99
C GLU A 288 1.09 25.42 20.04
N GLU A 289 0.67 24.69 21.07
CA GLU A 289 1.57 24.42 22.20
C GLU A 289 2.62 23.34 21.95
N PHE A 290 2.43 22.52 20.92
CA PHE A 290 3.36 21.47 20.65
C PHE A 290 4.00 21.54 19.25
N VAL A 291 3.20 21.40 18.21
CA VAL A 291 3.72 21.35 16.85
C VAL A 291 4.51 22.61 16.45
N LYS A 292 3.89 23.77 16.59
CA LYS A 292 4.54 24.99 16.19
C LYS A 292 5.65 25.38 17.15
N ALA A 293 5.45 25.17 18.46
CA ALA A 293 6.47 25.50 19.46
C ALA A 293 7.78 24.77 19.22
N LYS A 294 7.67 23.48 18.89
CA LYS A 294 8.84 22.65 18.60
C LYS A 294 9.59 23.09 17.34
N GLY A 295 8.86 23.59 16.35
CA GLY A 295 9.45 24.18 15.16
C GLY A 295 9.94 23.24 14.06
N ASP A 296 10.24 21.99 14.45
CA ASP A 296 10.74 20.98 13.51
C ASP A 296 9.78 19.78 13.42
N VAL A 297 8.53 20.03 13.81
CA VAL A 297 7.45 19.06 13.74
C VAL A 297 6.55 19.32 12.53
N LYS A 298 6.15 18.23 11.86
CA LYS A 298 5.32 18.27 10.65
C LYS A 298 3.86 18.59 10.98
N PRO A 299 3.08 19.05 9.98
CA PRO A 299 1.67 19.35 10.27
C PRO A 299 0.92 18.19 10.94
N LEU A 300 0.12 18.54 11.93
CA LEU A 300 -0.71 17.61 12.68
C LEU A 300 -1.74 16.93 11.81
N ILE A 301 -1.93 15.65 12.07
CA ILE A 301 -2.89 14.85 11.33
C ILE A 301 -4.03 14.48 12.25
N THR A 302 -5.22 14.48 11.69
CA THR A 302 -6.40 14.09 12.43
C THR A 302 -7.35 13.32 11.56
N VAL A 303 -8.32 12.68 12.21
CA VAL A 303 -9.51 12.15 11.53
C VAL A 303 -10.74 12.47 12.41
N PRO A 304 -11.76 13.12 11.79
CA PRO A 304 -12.94 13.58 12.56
C PRO A 304 -13.85 12.40 12.88
N THR A 305 -14.79 12.58 13.81
CA THR A 305 -15.70 11.49 14.15
C THR A 305 -16.62 11.13 12.98
N GLU A 306 -16.91 12.11 12.12
CA GLU A 306 -17.53 11.84 10.82
C GLU A 306 -16.44 11.96 9.78
N TYR A 307 -16.19 10.85 9.08
CA TYR A 307 -14.97 10.69 8.29
C TYR A 307 -15.19 10.01 6.96
N ASP A 308 -16.43 9.68 6.64
CA ASP A 308 -16.76 9.32 5.27
C ASP A 308 -17.84 10.27 4.77
N THR A 309 -17.95 10.44 3.46
CA THR A 309 -18.87 11.44 2.90
C THR A 309 -20.33 11.23 3.33
N GLY A 310 -20.82 9.99 3.26
CA GLY A 310 -22.14 9.62 3.74
C GLY A 310 -22.41 10.04 5.16
N ALA A 311 -21.38 10.09 6.00
CA ALA A 311 -21.55 10.46 7.40
C ALA A 311 -21.26 11.92 7.63
N MET A 312 -20.80 12.59 6.58
CA MET A 312 -20.26 13.95 6.70
C MET A 312 -21.21 14.95 6.06
N VAL A 313 -21.88 14.49 5.01
CA VAL A 313 -22.66 15.31 4.13
C VAL A 313 -24.09 14.81 4.01
N SER A 314 -25.04 15.74 4.04
CA SER A 314 -26.45 15.43 3.83
C SER A 314 -27.06 16.46 2.88
N ASN A 315 -27.51 15.95 1.73
CA ASN A 315 -28.02 16.79 0.61
C ASN A 315 -27.01 17.90 0.23
N GLY A 316 -25.83 17.50 -0.27
CA GLY A 316 -24.75 18.44 -0.68
C GLY A 316 -24.20 19.34 0.44
N GLN A 317 -24.78 19.24 1.65
CA GLN A 317 -24.50 20.21 2.71
C GLN A 317 -24.06 19.53 4.01
N PRO A 318 -22.93 19.97 4.61
CA PRO A 318 -22.33 19.21 5.73
C PRO A 318 -23.26 19.03 6.90
N ARG A 319 -23.20 17.88 7.57
CA ARG A 319 -23.91 17.70 8.83
C ARG A 319 -23.36 18.63 9.90
N ALA A 320 -24.03 18.66 11.06
CA ALA A 320 -23.75 19.62 12.10
C ALA A 320 -22.30 19.48 12.53
N TYR A 321 -21.91 18.25 12.87
CA TYR A 321 -20.57 17.92 13.32
C TYR A 321 -19.51 18.45 12.36
N THR A 322 -19.57 17.98 11.13
CA THR A 322 -18.64 18.35 10.09
C THR A 322 -18.53 19.88 9.94
N ARG A 323 -19.66 20.56 9.74
CA ARG A 323 -19.64 22.02 9.60
C ARG A 323 -18.88 22.65 10.75
N ILE A 324 -19.17 22.26 11.99
CA ILE A 324 -18.49 22.89 13.12
C ILE A 324 -17.01 22.52 13.19
N PHE A 325 -16.69 21.24 12.97
CA PHE A 325 -15.31 20.78 12.91
C PHE A 325 -14.51 21.59 11.87
N ALA A 326 -14.98 21.61 10.62
CA ALA A 326 -14.32 22.36 9.56
C ALA A 326 -14.18 23.86 9.87
N GLU A 327 -15.16 24.44 10.55
CA GLU A 327 -15.16 25.87 10.84
C GLU A 327 -14.03 26.19 11.84
N THR A 328 -13.67 25.22 12.66
CA THR A 328 -12.82 25.48 13.83
C THR A 328 -11.39 24.96 13.68
N VAL A 329 -11.25 23.84 12.98
CA VAL A 329 -9.97 23.16 12.88
C VAL A 329 -8.99 23.99 12.04
N ASP A 330 -7.85 24.34 12.64
CA ASP A 330 -6.88 25.23 12.02
C ASP A 330 -6.47 24.76 10.62
N PRO A 331 -6.36 25.69 9.64
CA PRO A 331 -6.05 25.30 8.24
C PRO A 331 -4.76 24.49 8.07
N SER A 332 -3.82 24.61 8.99
CA SER A 332 -2.56 23.92 8.80
C SER A 332 -2.67 22.40 9.06
N ILE A 333 -3.69 21.98 9.81
CA ILE A 333 -3.90 20.56 10.20
C ILE A 333 -4.34 19.67 9.04
N GLU A 334 -3.70 18.52 8.88
CA GLU A 334 -4.13 17.57 7.86
C GLU A 334 -5.37 16.83 8.36
N VAL A 335 -6.38 16.70 7.49
CA VAL A 335 -7.66 16.08 7.86
C VAL A 335 -7.91 14.93 6.90
N MET A 336 -8.16 13.76 7.48
CA MET A 336 -8.35 12.55 6.68
C MET A 336 -9.82 12.22 6.56
N TRP A 337 -10.17 11.64 5.41
CA TRP A 337 -11.48 11.05 5.18
C TRP A 337 -11.32 9.80 4.31
N THR A 338 -12.28 8.88 4.38
CA THR A 338 -12.12 7.58 3.72
C THR A 338 -12.70 7.52 2.30
N GLY A 339 -13.31 8.61 1.86
CA GLY A 339 -14.07 8.66 0.60
C GLY A 339 -15.58 8.62 0.86
N PRO A 340 -16.37 8.20 -0.15
CA PRO A 340 -17.84 8.18 -0.07
C PRO A 340 -18.45 7.25 1.00
N GLY A 341 -17.68 6.24 1.42
CA GLY A 341 -18.05 5.40 2.55
C GLY A 341 -16.79 5.00 3.31
N VAL A 342 -16.98 4.33 4.46
CA VAL A 342 -15.88 3.73 5.18
C VAL A 342 -15.05 2.83 4.28
N VAL A 343 -15.67 1.86 3.60
CA VAL A 343 -15.03 0.98 2.61
C VAL A 343 -15.86 1.01 1.33
N THR A 344 -15.38 1.62 0.25
CA THR A 344 -16.24 1.91 -0.90
C THR A 344 -15.54 1.65 -2.24
N ASN A 345 -16.30 1.48 -3.33
CA ASN A 345 -15.70 1.15 -4.65
C ASN A 345 -14.76 2.20 -5.14
N GLU A 346 -15.06 3.46 -4.79
CA GLU A 346 -14.49 4.59 -5.51
C GLU A 346 -14.26 5.82 -4.66
N ILE A 347 -13.30 6.63 -5.07
CA ILE A 347 -13.34 8.05 -4.74
C ILE A 347 -13.34 8.77 -6.08
N PRO A 348 -14.55 9.10 -6.58
CA PRO A 348 -14.64 9.98 -7.75
C PRO A 348 -14.02 11.32 -7.43
N LEU A 349 -13.46 11.96 -8.47
CA LEU A 349 -12.97 13.33 -8.40
C LEU A 349 -13.96 14.29 -7.73
N SER A 350 -15.26 14.12 -7.96
CA SER A 350 -16.27 15.04 -7.41
C SER A 350 -16.49 14.91 -5.90
N ASP A 351 -16.27 13.71 -5.34
CA ASP A 351 -16.35 13.50 -3.88
C ASP A 351 -15.22 14.24 -3.16
N ALA A 352 -14.03 14.20 -3.75
CA ALA A 352 -12.87 14.93 -3.27
C ALA A 352 -13.15 16.42 -3.34
N GLN A 353 -13.68 16.87 -4.47
CA GLN A 353 -13.98 18.29 -4.64
C GLN A 353 -14.96 18.75 -3.55
N LEU A 354 -15.96 17.91 -3.31
CA LEU A 354 -16.98 18.22 -2.32
C LEU A 354 -16.37 18.43 -0.92
N ILE A 355 -15.64 17.41 -0.43
CA ILE A 355 -15.05 17.39 0.91
C ILE A 355 -13.94 18.40 1.08
N SER A 356 -13.09 18.53 0.07
CA SER A 356 -12.10 19.58 0.09
C SER A 356 -12.76 20.97 0.11
N GLY A 357 -13.95 21.07 -0.49
CA GLY A 357 -14.75 22.31 -0.45
C GLY A 357 -15.12 22.70 0.98
N ILE A 358 -15.78 21.79 1.67
CA ILE A 358 -16.15 21.95 3.06
C ILE A 358 -14.95 22.28 3.93
N TYR A 359 -13.86 21.55 3.75
CA TYR A 359 -12.68 21.77 4.60
C TYR A 359 -11.79 22.88 4.11
N ASP A 360 -11.94 23.25 2.84
CA ASP A 360 -11.22 24.41 2.34
C ASP A 360 -9.68 24.22 2.51
N ARG A 361 -9.22 23.04 2.10
CA ARG A 361 -7.80 22.65 2.13
C ARG A 361 -7.71 21.39 1.29
N ASN A 362 -6.49 21.03 0.89
CA ASN A 362 -6.25 19.70 0.34
C ASN A 362 -6.44 18.64 1.44
N MET A 363 -7.14 17.58 1.09
CA MET A 363 -7.50 16.56 2.05
C MET A 363 -6.43 15.46 2.11
N ALA A 364 -6.55 14.61 3.12
CA ALA A 364 -5.78 13.39 3.26
C ALA A 364 -6.74 12.20 3.16
N VAL A 365 -6.34 11.16 2.45
CA VAL A 365 -7.17 9.99 2.31
C VAL A 365 -6.73 8.90 3.28
N TRP A 366 -7.68 8.34 4.01
CA TRP A 366 -7.45 7.12 4.75
C TRP A 366 -8.17 6.05 3.94
N TRP A 367 -7.44 5.34 3.09
CA TRP A 367 -8.07 4.35 2.20
C TRP A 367 -8.13 2.97 2.84
N ASN A 368 -9.35 2.50 3.13
CA ASN A 368 -9.59 1.24 3.81
C ASN A 368 -9.57 0.02 2.88
N TYR A 369 -8.40 -0.19 2.29
CA TYR A 369 -8.11 -1.34 1.48
C TYR A 369 -6.58 -1.39 1.47
N PRO A 370 -5.97 -2.55 1.75
CA PRO A 370 -6.60 -3.86 1.86
C PRO A 370 -7.05 -4.31 3.24
N VAL A 371 -7.34 -3.40 4.17
CA VAL A 371 -7.75 -3.82 5.51
C VAL A 371 -8.89 -4.85 5.42
N THR A 372 -8.90 -5.86 6.30
CA THR A 372 -9.93 -6.87 6.24
C THR A 372 -10.44 -7.23 7.63
N ASP A 373 -10.48 -6.27 8.53
CA ASP A 373 -10.83 -6.59 9.90
C ASP A 373 -12.33 -6.84 10.08
N TYR A 374 -13.12 -6.48 9.06
CA TYR A 374 -14.59 -6.55 9.06
C TYR A 374 -15.08 -7.79 8.33
N PHE A 375 -14.12 -8.57 7.79
CA PHE A 375 -14.38 -9.74 6.98
C PHE A 375 -13.08 -10.53 6.87
N LYS A 376 -12.66 -11.10 8.00
CA LYS A 376 -11.35 -11.69 8.18
C LYS A 376 -11.08 -12.95 7.39
N GLY A 377 -12.09 -13.57 6.79
CA GLY A 377 -11.84 -14.82 6.09
C GLY A 377 -11.26 -14.64 4.71
N LYS A 378 -11.36 -13.43 4.18
CA LYS A 378 -10.85 -13.18 2.86
C LYS A 378 -9.58 -12.33 2.90
N LEU A 379 -8.66 -12.61 1.99
CA LEU A 379 -7.50 -11.78 1.70
C LEU A 379 -7.81 -10.74 0.61
N ALA A 380 -7.46 -9.48 0.88
CA ALA A 380 -7.57 -8.45 -0.11
C ALA A 380 -6.19 -8.30 -0.78
N LEU A 381 -6.09 -8.81 -2.00
CA LEU A 381 -4.83 -8.97 -2.68
C LEU A 381 -4.84 -8.27 -4.03
N GLY A 382 -5.74 -7.30 -4.21
CA GLY A 382 -5.80 -6.53 -5.45
C GLY A 382 -5.06 -5.20 -5.45
N PRO A 383 -5.08 -4.49 -6.61
CA PRO A 383 -4.41 -3.22 -6.74
C PRO A 383 -5.27 -2.13 -6.15
N MET A 384 -4.72 -0.91 -6.02
CA MET A 384 -5.53 0.28 -5.79
C MET A 384 -6.49 0.36 -6.95
N HIS A 385 -7.77 0.54 -6.62
CA HIS A 385 -8.85 0.45 -7.59
C HIS A 385 -9.99 1.38 -7.23
N GLY A 386 -10.41 2.21 -8.18
CA GLY A 386 -11.54 3.09 -7.98
C GLY A 386 -11.19 4.50 -7.55
N LEU A 387 -9.89 4.78 -7.44
CA LEU A 387 -9.42 6.08 -6.99
C LEU A 387 -9.08 6.88 -8.22
N ASP A 388 -9.69 8.05 -8.33
CA ASP A 388 -9.62 8.86 -9.54
C ASP A 388 -8.20 9.32 -9.82
N LYS A 389 -7.80 9.32 -11.08
CA LYS A 389 -6.41 9.68 -11.40
C LYS A 389 -6.12 11.18 -11.40
N GLY A 390 -7.15 11.98 -11.10
CA GLY A 390 -6.97 13.40 -10.93
C GLY A 390 -7.10 13.79 -9.48
N LEU A 391 -7.10 12.80 -8.59
CA LEU A 391 -7.33 13.02 -7.17
C LEU A 391 -6.34 13.99 -6.53
N ASN A 392 -5.12 14.05 -7.08
CA ASN A 392 -4.06 14.95 -6.58
C ASN A 392 -4.45 16.43 -6.50
N GLN A 393 -5.51 16.81 -7.24
CA GLN A 393 -6.02 18.17 -7.27
C GLN A 393 -6.62 18.60 -5.94
N TYR A 394 -7.13 17.63 -5.17
CA TYR A 394 -7.77 17.95 -3.90
C TYR A 394 -7.18 17.16 -2.75
N VAL A 395 -6.21 16.30 -3.06
CA VAL A 395 -5.65 15.37 -2.07
C VAL A 395 -4.16 15.55 -2.14
N ASP A 396 -3.51 15.76 -1.01
CA ASP A 396 -2.04 15.85 -1.02
C ASP A 396 -1.36 14.90 -0.02
N PHE A 397 -2.12 13.92 0.45
CA PHE A 397 -1.70 13.06 1.53
C PHE A 397 -2.48 11.76 1.34
N PHE A 398 -1.79 10.65 1.12
CA PHE A 398 -2.46 9.41 0.81
C PHE A 398 -1.93 8.21 1.60
N THR A 399 -2.81 7.57 2.37
CA THR A 399 -2.41 6.38 3.15
C THR A 399 -3.41 5.23 3.00
N VAL A 400 -2.91 4.01 2.91
CA VAL A 400 -3.77 2.85 2.93
C VAL A 400 -3.76 2.19 4.32
N ASN A 401 -4.87 1.56 4.67
CA ASN A 401 -5.00 0.78 5.89
C ASN A 401 -4.85 -0.70 5.46
N PRO A 402 -3.78 -1.38 5.92
CA PRO A 402 -3.48 -2.70 5.45
C PRO A 402 -4.15 -3.78 6.29
N MET A 403 -3.87 -5.03 5.96
CA MET A 403 -4.41 -6.15 6.71
C MET A 403 -3.62 -6.37 7.96
N GLU A 404 -4.18 -7.13 8.89
CA GLU A 404 -3.42 -7.58 10.03
C GLU A 404 -2.29 -8.55 9.60
N HIS A 405 -2.35 -9.04 8.35
CA HIS A 405 -1.30 -9.82 7.66
C HIS A 405 -0.29 -8.94 6.89
N ALA A 406 0.83 -8.61 7.51
CA ALA A 406 1.75 -7.66 6.93
C ALA A 406 2.28 -8.11 5.58
N GLU A 407 2.66 -9.38 5.48
CA GLU A 407 3.34 -9.85 4.28
C GLU A 407 2.50 -9.71 3.00
N LEU A 408 1.24 -10.13 3.06
CA LEU A 408 0.43 -10.17 1.88
C LEU A 408 -0.17 -8.80 1.56
N SER A 409 -0.21 -7.92 2.57
CA SER A 409 -0.52 -6.51 2.33
C SER A 409 0.47 -5.92 1.30
N LYS A 410 1.65 -6.50 1.19
CA LYS A 410 2.67 -5.93 0.33
C LYS A 410 2.19 -5.80 -1.13
N ILE A 411 1.30 -6.69 -1.57
CA ILE A 411 0.83 -6.66 -2.96
C ILE A 411 0.08 -5.36 -3.22
N SER A 412 -0.91 -5.11 -2.40
CA SER A 412 -1.74 -3.95 -2.52
C SER A 412 -0.97 -2.63 -2.29
N ILE A 413 -0.08 -2.65 -1.29
CA ILE A 413 0.73 -1.49 -0.94
C ILE A 413 1.70 -1.12 -2.06
N HIS A 414 2.25 -2.12 -2.75
CA HIS A 414 3.13 -1.93 -3.89
C HIS A 414 2.41 -1.07 -4.95
N THR A 415 1.15 -1.36 -5.17
CA THR A 415 0.36 -0.64 -6.13
C THR A 415 0.02 0.77 -5.60
N ALA A 416 -0.14 0.91 -4.28
CA ALA A 416 -0.31 2.21 -3.63
C ALA A 416 0.88 3.14 -3.85
N ALA A 417 2.07 2.57 -3.84
CA ALA A 417 3.28 3.31 -4.13
C ALA A 417 3.25 3.86 -5.56
N ASP A 418 2.83 3.03 -6.52
CA ASP A 418 2.76 3.46 -7.91
C ASP A 418 1.72 4.55 -8.11
N TYR A 419 0.57 4.42 -7.48
CA TYR A 419 -0.55 5.30 -7.72
C TYR A 419 -0.28 6.68 -7.15
N SER A 420 0.38 6.76 -5.99
CA SER A 420 0.56 8.02 -5.34
C SER A 420 1.85 8.72 -5.80
N TRP A 421 2.77 7.97 -6.37
CA TRP A 421 3.99 8.59 -6.88
C TRP A 421 3.74 9.17 -8.28
N ASN A 422 3.19 8.37 -9.18
CA ASN A 422 2.96 8.79 -10.56
C ASN A 422 1.49 8.53 -10.88
N MET A 423 0.64 9.42 -10.39
CA MET A 423 -0.81 9.17 -10.36
C MET A 423 -1.49 9.04 -11.70
N ASP A 424 -1.10 9.87 -12.66
CA ASP A 424 -1.84 9.91 -13.94
C ASP A 424 -1.41 8.83 -14.90
N ASN A 425 -0.26 8.24 -14.68
CA ASN A 425 0.19 7.14 -15.48
C ASN A 425 -0.35 5.80 -14.99
N TYR A 426 -1.00 5.80 -13.82
CA TYR A 426 -1.34 4.56 -13.09
C TYR A 426 -2.36 3.68 -13.82
N ASP A 427 -1.96 2.44 -14.10
CA ASP A 427 -2.78 1.43 -14.74
C ASP A 427 -2.93 0.25 -13.76
N TYR A 428 -4.08 0.15 -13.08
CA TYR A 428 -4.23 -0.80 -11.97
C TYR A 428 -3.89 -2.24 -12.36
N ASP A 429 -4.28 -2.67 -13.55
CA ASP A 429 -3.94 -4.02 -13.95
C ASP A 429 -2.43 -4.23 -14.14
N LYS A 430 -1.78 -3.29 -14.83
CA LYS A 430 -0.32 -3.34 -15.03
C LYS A 430 0.47 -3.24 -13.73
N ALA A 431 0.02 -2.36 -12.83
CA ALA A 431 0.54 -2.21 -11.48
C ALA A 431 0.38 -3.48 -10.65
N TRP A 432 -0.77 -4.14 -10.78
CA TRP A 432 -1.06 -5.35 -10.02
C TRP A 432 -0.14 -6.47 -10.48
N ASN A 433 0.06 -6.58 -11.79
CA ASN A 433 0.95 -7.58 -12.36
C ASN A 433 2.40 -7.34 -11.98
N ARG A 434 2.74 -6.07 -11.88
CA ARG A 434 4.10 -5.72 -11.59
C ARG A 434 4.36 -6.01 -10.12
N ALA A 435 3.40 -5.66 -9.27
CA ALA A 435 3.48 -5.95 -7.84
C ALA A 435 3.80 -7.42 -7.67
N ILE A 436 3.03 -8.31 -8.29
CA ILE A 436 3.23 -9.73 -8.06
C ILE A 436 4.56 -10.22 -8.66
N ASP A 437 4.90 -9.75 -9.86
CA ASP A 437 6.15 -10.11 -10.52
C ASP A 437 7.35 -9.75 -9.65
N MET A 438 7.35 -8.53 -9.12
CA MET A 438 8.49 -8.04 -8.33
C MET A 438 8.57 -8.78 -6.99
N LEU A 439 7.43 -9.07 -6.38
CA LEU A 439 7.39 -9.70 -5.09
C LEU A 439 7.62 -11.19 -5.10
N TYR A 440 7.07 -11.91 -6.10
CA TYR A 440 7.08 -13.38 -6.04
C TYR A 440 8.08 -14.15 -6.86
N GLY A 441 8.79 -13.45 -7.76
CA GLY A 441 9.87 -14.05 -8.53
C GLY A 441 9.45 -15.25 -9.35
N ASP A 442 10.07 -16.40 -9.07
CA ASP A 442 9.74 -17.66 -9.73
C ASP A 442 8.28 -18.09 -9.59
N LEU A 443 7.61 -17.65 -8.51
CA LEU A 443 6.23 -18.04 -8.22
C LEU A 443 5.17 -17.04 -8.67
N ALA A 444 5.62 -15.96 -9.33
CA ALA A 444 4.73 -14.89 -9.78
C ALA A 444 3.50 -15.38 -10.56
N GLU A 445 3.73 -16.19 -11.59
CA GLU A 445 2.65 -16.60 -12.50
C GLU A 445 1.58 -17.39 -11.76
N ASP A 446 2.00 -18.25 -10.82
CA ASP A 446 1.05 -18.96 -9.96
C ASP A 446 0.36 -18.11 -8.93
N MET A 447 1.12 -17.20 -8.33
CA MET A 447 0.55 -16.31 -7.33
C MET A 447 -0.52 -15.45 -7.99
N LYS A 448 -0.31 -15.10 -9.27
CA LYS A 448 -1.32 -14.33 -10.00
C LYS A 448 -2.59 -15.14 -10.17
N VAL A 449 -2.46 -16.41 -10.55
CA VAL A 449 -3.64 -17.27 -10.66
C VAL A 449 -4.49 -17.27 -9.37
N PHE A 450 -3.84 -17.39 -8.23
CA PHE A 450 -4.52 -17.46 -6.94
C PHE A 450 -5.06 -16.11 -6.56
N ALA A 451 -4.16 -15.14 -6.43
CA ALA A 451 -4.47 -13.75 -6.05
C ALA A 451 -5.58 -13.11 -6.87
N ASN A 452 -5.61 -13.45 -8.16
CA ASN A 452 -6.63 -13.01 -9.10
C ASN A 452 -8.08 -13.31 -8.65
N HIS A 453 -8.23 -14.29 -7.77
CA HIS A 453 -9.52 -14.70 -7.22
C HIS A 453 -9.82 -14.03 -5.91
N SER A 454 -8.88 -13.23 -5.42
CA SER A 454 -9.03 -12.69 -4.10
C SER A 454 -8.82 -11.18 -4.06
N THR A 455 -9.51 -10.46 -4.96
CA THR A 455 -9.29 -9.02 -5.03
C THR A 455 -10.49 -8.24 -4.53
N ARG A 456 -11.66 -8.84 -4.54
CA ARG A 456 -12.87 -8.14 -4.17
C ARG A 456 -13.32 -8.31 -2.73
N MET A 457 -13.57 -7.20 -2.04
CA MET A 457 -14.06 -7.26 -0.67
C MET A 457 -15.51 -6.86 -0.60
N ASP A 458 -16.35 -7.74 -0.07
CA ASP A 458 -17.76 -7.49 0.05
C ASP A 458 -18.36 -8.23 1.26
N ASN A 459 -18.81 -7.49 2.27
CA ASN A 459 -19.45 -8.11 3.43
C ASN A 459 -20.97 -8.15 3.30
N LYS A 460 -21.48 -7.67 2.15
CA LYS A 460 -22.91 -7.75 1.77
C LYS A 460 -23.74 -6.68 2.44
N THR A 461 -23.10 -5.75 3.15
CA THR A 461 -23.83 -4.64 3.74
C THR A 461 -23.12 -3.31 3.46
N TRP A 462 -22.36 -2.81 4.42
CA TRP A 462 -21.74 -1.50 4.27
C TRP A 462 -20.35 -1.49 3.62
N ALA A 463 -19.63 -2.62 3.64
CA ALA A 463 -18.22 -2.65 3.18
C ALA A 463 -18.10 -3.31 1.81
N LYS A 464 -17.70 -2.53 0.80
CA LYS A 464 -17.55 -3.04 -0.56
C LYS A 464 -16.42 -2.27 -1.23
N SER A 465 -15.34 -2.96 -1.62
CA SER A 465 -14.26 -2.29 -2.34
C SER A 465 -13.38 -3.31 -3.02
N GLY A 466 -12.77 -2.90 -4.13
CA GLY A 466 -11.76 -3.68 -4.79
C GLY A 466 -12.14 -4.10 -6.19
N ARG A 467 -11.14 -4.33 -7.03
CA ARG A 467 -11.34 -4.92 -8.33
C ARG A 467 -12.11 -6.24 -8.19
N GLU A 468 -12.93 -6.57 -9.18
CA GLU A 468 -13.72 -7.79 -9.11
C GLU A 468 -12.86 -9.02 -9.25
N ASP A 469 -13.29 -10.11 -8.62
CA ASP A 469 -12.58 -11.40 -8.67
C ASP A 469 -12.55 -11.92 -10.09
N ALA A 470 -11.39 -12.43 -10.52
CA ALA A 470 -11.18 -13.03 -11.85
C ALA A 470 -12.28 -12.68 -12.87
N PRO A 471 -12.25 -11.43 -13.41
CA PRO A 471 -13.37 -10.96 -14.24
C PRO A 471 -13.43 -11.67 -15.59
N GLU A 472 -12.29 -12.12 -16.10
CA GLU A 472 -12.25 -12.78 -17.40
C GLU A 472 -12.90 -14.14 -17.29
N LEU A 473 -12.70 -14.81 -16.16
CA LEU A 473 -13.29 -16.12 -15.93
C LEU A 473 -14.80 -16.02 -15.75
N ARG A 474 -15.28 -14.98 -15.08
CA ARG A 474 -16.72 -14.77 -14.89
C ARG A 474 -17.38 -14.63 -16.26
N ALA A 475 -16.70 -13.90 -17.15
CA ALA A 475 -17.18 -13.61 -18.49
C ALA A 475 -17.39 -14.92 -19.26
N LYS A 476 -16.40 -15.81 -19.19
CA LYS A 476 -16.51 -17.14 -19.77
C LYS A 476 -17.63 -17.96 -19.12
N MET A 477 -17.74 -17.91 -17.80
CA MET A 477 -18.81 -18.61 -17.13
C MET A 477 -20.17 -18.11 -17.62
N ASP A 478 -20.35 -16.79 -17.61
CA ASP A 478 -21.55 -16.13 -18.12
C ASP A 478 -21.85 -16.52 -19.58
N GLU A 479 -20.81 -16.54 -20.43
CA GLU A 479 -20.98 -16.92 -21.83
C GLU A 479 -21.50 -18.37 -21.89
N LEU A 480 -20.84 -19.30 -21.20
CA LEU A 480 -21.33 -20.67 -21.11
C LEU A 480 -22.83 -20.78 -20.77
N TRP A 481 -23.32 -20.11 -19.73
CA TRP A 481 -24.76 -20.18 -19.45
C TRP A 481 -25.62 -19.71 -20.63
N ASN A 482 -25.23 -18.58 -21.26
CA ASN A 482 -25.89 -18.10 -22.48
C ASN A 482 -25.92 -19.13 -23.59
N LYS A 483 -24.77 -19.72 -23.90
CA LYS A 483 -24.71 -20.79 -24.93
C LYS A 483 -25.57 -22.04 -24.64
N LEU A 484 -25.77 -22.38 -23.37
CA LEU A 484 -26.52 -23.58 -23.03
C LEU A 484 -28.02 -23.35 -23.15
N SER A 485 -28.46 -22.15 -22.75
CA SER A 485 -29.88 -21.79 -22.68
C SER A 485 -30.39 -21.43 -24.07
N SER A 486 -29.48 -21.00 -24.96
CA SER A 486 -29.81 -20.77 -26.37
C SER A 486 -29.29 -21.96 -27.22
N LYS A 487 -29.02 -23.07 -26.54
CA LYS A 487 -28.59 -24.33 -27.19
C LYS A 487 -27.52 -24.23 -28.31
N GLU A 488 -26.46 -23.43 -28.15
CA GLU A 488 -25.36 -23.43 -29.13
C GLU A 488 -24.29 -24.45 -28.66
N ASP A 489 -23.37 -24.81 -29.56
CA ASP A 489 -22.32 -25.81 -29.30
C ASP A 489 -21.28 -25.17 -28.37
N ALA A 490 -21.21 -25.71 -27.16
CA ALA A 490 -20.39 -25.12 -26.11
C ALA A 490 -19.08 -25.84 -25.87
N SER A 491 -18.80 -26.89 -26.64
CA SER A 491 -17.66 -27.80 -26.30
C SER A 491 -16.27 -27.18 -26.38
N ALA A 492 -16.15 -26.07 -27.11
CA ALA A 492 -14.90 -25.29 -27.14
C ALA A 492 -14.70 -24.50 -25.82
N LEU A 493 -15.76 -23.85 -25.36
CA LEU A 493 -15.79 -23.19 -24.07
C LEU A 493 -15.60 -24.21 -22.91
N ILE A 494 -16.43 -25.25 -22.87
CA ILE A 494 -16.25 -26.34 -21.93
C ILE A 494 -14.78 -26.77 -21.79
N GLU A 495 -14.08 -27.06 -22.89
CA GLU A 495 -12.69 -27.55 -22.78
C GLU A 495 -11.77 -26.47 -22.19
N GLU A 496 -11.98 -25.23 -22.66
CA GLU A 496 -11.27 -24.06 -22.18
C GLU A 496 -11.43 -23.96 -20.67
N LEU A 497 -12.66 -24.11 -20.19
CA LEU A 497 -12.97 -24.05 -18.77
C LEU A 497 -12.35 -25.19 -17.92
N TYR A 498 -12.37 -26.43 -18.41
CA TYR A 498 -11.63 -27.48 -17.74
C TYR A 498 -10.18 -27.06 -17.50
N GLY A 499 -9.54 -26.50 -18.52
CA GLY A 499 -8.18 -25.99 -18.40
C GLY A 499 -7.98 -24.93 -17.29
N GLU A 500 -8.91 -23.97 -17.17
CA GLU A 500 -8.77 -22.91 -16.19
C GLU A 500 -8.87 -23.49 -14.78
N PHE A 501 -9.90 -24.31 -14.53
CA PHE A 501 -10.07 -24.98 -13.25
C PHE A 501 -8.90 -25.91 -12.89
N ALA A 502 -8.39 -26.62 -13.88
CA ALA A 502 -7.23 -27.45 -13.63
C ALA A 502 -6.06 -26.57 -13.18
N ARG A 503 -5.93 -25.43 -13.85
CA ARG A 503 -4.84 -24.50 -13.68
C ARG A 503 -4.84 -23.86 -12.28
N MET A 504 -6.03 -23.47 -11.80
CA MET A 504 -6.25 -22.97 -10.46
C MET A 504 -5.75 -23.98 -9.44
N GLU A 505 -6.11 -25.25 -9.64
CA GLU A 505 -5.68 -26.31 -8.77
C GLU A 505 -4.14 -26.50 -8.81
N GLU A 506 -3.56 -26.54 -9.99
CA GLU A 506 -2.12 -26.73 -10.14
C GLU A 506 -1.30 -25.59 -9.54
N ALA A 507 -1.75 -24.34 -9.74
CA ALA A 507 -1.08 -23.14 -9.20
C ALA A 507 -1.12 -23.17 -7.69
N CYS A 508 -2.31 -23.38 -7.15
CA CYS A 508 -2.50 -23.45 -5.71
C CYS A 508 -1.68 -24.56 -5.06
N ASN A 509 -1.60 -25.74 -5.70
CA ASN A 509 -0.75 -26.81 -5.18
C ASN A 509 0.75 -26.48 -5.23
N ASN A 510 1.16 -25.75 -6.27
CA ASN A 510 2.53 -25.27 -6.35
C ASN A 510 2.83 -24.18 -5.29
N LEU A 511 1.86 -23.31 -5.00
CA LEU A 511 2.07 -22.27 -4.02
C LEU A 511 2.24 -22.91 -2.65
N LYS A 512 1.34 -23.83 -2.31
CA LYS A 512 1.41 -24.62 -1.08
C LYS A 512 2.73 -25.35 -0.88
N ALA A 513 3.33 -25.83 -1.95
CA ALA A 513 4.59 -26.52 -1.84
C ALA A 513 5.78 -25.59 -1.73
N ASN A 514 5.67 -24.37 -2.25
CA ASN A 514 6.85 -23.55 -2.54
C ASN A 514 6.91 -22.13 -1.99
N LEU A 515 5.77 -21.58 -1.60
CA LEU A 515 5.77 -20.29 -0.94
C LEU A 515 6.64 -20.39 0.32
N PRO A 516 7.48 -19.36 0.58
CA PRO A 516 8.20 -19.32 1.85
C PRO A 516 7.21 -19.19 2.99
N GLU A 517 7.58 -19.63 4.20
CA GLU A 517 6.68 -19.62 5.35
C GLU A 517 5.97 -18.30 5.58
N VAL A 518 6.68 -17.18 5.42
CA VAL A 518 6.17 -15.84 5.72
C VAL A 518 4.92 -15.48 4.90
N ALA A 519 4.87 -15.90 3.64
CA ALA A 519 3.66 -15.76 2.83
C ALA A 519 2.69 -16.89 3.12
N LEU A 520 3.19 -18.12 3.06
CA LEU A 520 2.36 -19.33 3.24
C LEU A 520 1.49 -19.32 4.47
N GLU A 521 2.02 -18.86 5.61
CA GLU A 521 1.22 -18.82 6.85
C GLU A 521 0.16 -17.74 6.86
N GLU A 522 0.08 -16.96 5.78
CA GLU A 522 -0.93 -15.91 5.73
C GLU A 522 -2.08 -16.30 4.82
N CYS A 523 -1.84 -17.25 3.91
CA CYS A 523 -2.81 -17.58 2.91
C CYS A 523 -3.07 -19.07 2.71
N SER A 524 -2.55 -19.94 3.57
CA SER A 524 -2.69 -21.39 3.37
C SER A 524 -4.14 -21.86 3.42
N ARG A 525 -4.95 -21.27 4.29
CA ARG A 525 -6.36 -21.65 4.36
C ARG A 525 -7.12 -21.28 3.09
N GLN A 526 -6.79 -20.15 2.48
CA GLN A 526 -7.42 -19.69 1.26
C GLN A 526 -6.91 -20.47 0.02
N LEU A 527 -5.69 -20.98 0.10
CA LEU A 527 -5.17 -21.88 -0.92
C LEU A 527 -5.97 -23.17 -0.97
N ASP A 528 -6.32 -23.72 0.20
CA ASP A 528 -7.14 -24.93 0.30
C ASP A 528 -8.56 -24.69 -0.22
N GLU A 529 -9.12 -23.54 0.15
CA GLU A 529 -10.40 -23.06 -0.33
C GLU A 529 -10.50 -23.03 -1.86
N LEU A 530 -9.54 -22.39 -2.51
CA LEU A 530 -9.55 -22.30 -3.96
C LEU A 530 -9.34 -23.64 -4.65
N ILE A 531 -8.48 -24.49 -4.11
CA ILE A 531 -8.32 -25.81 -4.65
C ILE A 531 -9.66 -26.54 -4.54
N THR A 532 -10.32 -26.45 -3.37
CA THR A 532 -11.65 -27.05 -3.17
C THR A 532 -12.65 -26.57 -4.24
N LEU A 533 -12.82 -25.25 -4.35
CA LEU A 533 -13.71 -24.66 -5.32
C LEU A 533 -13.37 -25.05 -6.77
N ALA A 534 -12.09 -25.10 -7.12
CA ALA A 534 -11.72 -25.51 -8.45
C ALA A 534 -12.23 -26.92 -8.72
N GLN A 535 -12.15 -27.79 -7.72
CA GLN A 535 -12.60 -29.17 -7.86
C GLN A 535 -14.12 -29.24 -8.02
N GLY A 536 -14.83 -28.31 -7.37
CA GLY A 536 -16.26 -28.21 -7.49
C GLY A 536 -16.71 -27.60 -8.79
N ASP A 537 -15.89 -26.72 -9.37
CA ASP A 537 -16.19 -26.13 -10.66
C ASP A 537 -16.01 -27.20 -11.75
N LYS A 538 -14.96 -28.00 -11.63
CA LYS A 538 -14.75 -29.13 -12.49
C LYS A 538 -15.91 -30.14 -12.46
N ALA A 539 -16.36 -30.53 -11.26
CA ALA A 539 -17.53 -31.39 -11.15
C ALA A 539 -18.74 -30.67 -11.72
N SER A 540 -18.80 -29.36 -11.53
CA SER A 540 -19.91 -28.60 -12.06
C SER A 540 -19.98 -28.76 -13.59
N LEU A 541 -18.84 -28.78 -14.26
CA LEU A 541 -18.81 -28.95 -15.70
C LEU A 541 -19.16 -30.38 -16.08
N ASP A 542 -18.65 -31.35 -15.31
CA ASP A 542 -18.98 -32.74 -15.51
C ASP A 542 -20.51 -32.89 -15.44
N MET A 543 -21.17 -32.12 -14.57
CA MET A 543 -22.65 -32.08 -14.51
C MET A 543 -23.20 -31.60 -15.85
N ILE A 544 -22.65 -30.49 -16.37
CA ILE A 544 -23.15 -29.86 -17.61
C ILE A 544 -23.04 -30.88 -18.73
N VAL A 545 -21.88 -31.50 -18.84
CA VAL A 545 -21.65 -32.49 -19.88
C VAL A 545 -22.60 -33.71 -19.75
N ALA A 546 -22.80 -34.25 -18.55
CA ALA A 546 -23.70 -35.38 -18.36
C ALA A 546 -25.16 -35.05 -18.75
N GLN A 547 -25.58 -33.83 -18.44
CA GLN A 547 -26.93 -33.38 -18.79
C GLN A 547 -27.02 -33.30 -20.32
N LEU A 548 -25.95 -32.81 -20.94
CA LEU A 548 -25.93 -32.75 -22.40
C LEU A 548 -26.02 -34.14 -22.97
N ASN A 549 -25.22 -35.09 -22.44
CA ASN A 549 -25.15 -36.47 -22.95
C ASN A 549 -26.26 -37.38 -22.43
N GLU A 550 -27.22 -36.83 -21.68
CA GLU A 550 -28.32 -37.63 -21.08
C GLU A 550 -27.80 -38.90 -20.35
N ASP A 551 -26.81 -38.70 -19.46
CA ASP A 551 -26.16 -39.77 -18.68
C ASP A 551 -26.48 -39.49 -17.19
N THR A 552 -27.67 -39.91 -16.73
CA THR A 552 -28.10 -39.68 -15.33
C THR A 552 -27.10 -40.18 -14.25
N GLU A 553 -26.57 -41.39 -14.47
CA GLU A 553 -25.58 -42.01 -13.58
C GLU A 553 -24.44 -40.99 -13.31
N ALA A 554 -23.81 -40.54 -14.41
CA ALA A 554 -22.68 -39.60 -14.39
C ALA A 554 -23.03 -38.19 -13.92
N TYR A 555 -24.31 -37.82 -14.03
CA TYR A 555 -24.80 -36.55 -13.51
C TYR A 555 -24.98 -36.58 -11.99
N GLU A 556 -25.71 -37.58 -11.48
CA GLU A 556 -25.95 -37.69 -10.05
C GLU A 556 -24.62 -37.80 -9.32
N SER A 557 -23.64 -38.39 -9.99
CA SER A 557 -22.34 -38.64 -9.39
C SER A 557 -21.48 -37.36 -9.29
N ALA A 558 -21.54 -36.54 -10.33
CA ALA A 558 -20.87 -35.26 -10.36
C ALA A 558 -21.61 -34.26 -9.51
N LYS A 559 -22.94 -34.36 -9.44
CA LYS A 559 -23.71 -33.48 -8.56
C LYS A 559 -23.32 -33.67 -7.10
N GLU A 560 -23.16 -34.93 -6.68
CA GLU A 560 -22.78 -35.19 -5.30
C GLU A 560 -21.41 -34.54 -4.99
N ILE A 561 -20.42 -34.82 -5.85
CA ILE A 561 -19.08 -34.26 -5.73
C ILE A 561 -19.10 -32.73 -5.66
N ALA A 562 -19.82 -32.11 -6.60
CA ALA A 562 -19.97 -30.66 -6.58
C ALA A 562 -20.64 -30.14 -5.29
N GLN A 563 -21.59 -30.86 -4.73
CA GLN A 563 -22.22 -30.42 -3.47
C GLN A 563 -21.25 -30.60 -2.30
N ASN A 564 -20.36 -31.59 -2.41
CA ASN A 564 -19.47 -31.89 -1.33
C ASN A 564 -18.36 -30.83 -1.22
N LYS A 565 -17.92 -30.32 -2.38
CA LYS A 565 -16.95 -29.22 -2.43
C LYS A 565 -17.61 -27.90 -1.99
N LEU A 566 -18.79 -27.61 -2.54
CA LEU A 566 -19.47 -26.43 -2.08
C LEU A 566 -19.74 -26.45 -0.57
N ASN A 567 -20.17 -27.59 -0.03
CA ASN A 567 -20.39 -27.72 1.42
C ASN A 567 -19.11 -27.43 2.26
N THR A 568 -17.97 -27.91 1.76
CA THR A 568 -16.70 -27.67 2.42
C THR A 568 -16.44 -26.16 2.41
N ALA A 569 -16.61 -25.53 1.26
CA ALA A 569 -16.30 -24.12 1.16
C ALA A 569 -17.23 -23.21 2.01
N LEU A 570 -18.51 -23.54 2.06
CA LEU A 570 -19.48 -22.75 2.82
C LEU A 570 -19.26 -22.76 4.33
N SER A 571 -18.62 -23.82 4.83
CA SER A 571 -18.35 -23.89 6.27
C SER A 571 -16.88 -23.63 6.64
N SER A 572 -16.00 -23.53 5.64
CA SER A 572 -14.66 -22.92 5.70
C SER A 572 -14.70 -21.61 6.46
N PHE A 573 -13.67 -21.31 7.26
CA PHE A 573 -13.44 -19.90 7.66
C PHE A 573 -12.91 -19.10 6.44
N ALA A 574 -12.02 -19.73 5.68
CA ALA A 574 -11.47 -19.13 4.47
C ALA A 574 -12.58 -18.73 3.52
N VAL A 575 -12.43 -17.53 2.94
CA VAL A 575 -13.35 -17.05 1.93
C VAL A 575 -12.56 -16.60 0.71
N ILE A 576 -12.97 -17.09 -0.45
CA ILE A 576 -12.34 -16.68 -1.70
C ILE A 576 -13.27 -16.85 -2.89
N SER A 577 -13.10 -16.01 -3.90
CA SER A 577 -13.84 -16.06 -5.16
C SER A 577 -15.36 -16.27 -5.02
N GLU A 578 -15.99 -15.59 -4.05
CA GLU A 578 -17.43 -15.78 -3.81
C GLU A 578 -18.28 -15.69 -5.07
N LYS A 579 -18.07 -14.65 -5.87
CA LYS A 579 -18.91 -14.42 -7.05
C LYS A 579 -18.40 -15.11 -8.31
N VAL A 580 -17.34 -15.90 -8.22
CA VAL A 580 -16.79 -16.54 -9.43
C VAL A 580 -16.69 -18.05 -9.24
N ALA A 581 -15.60 -18.52 -8.63
CA ALA A 581 -15.42 -19.97 -8.44
C ALA A 581 -16.53 -20.61 -7.60
N GLN A 582 -16.94 -19.91 -6.53
CA GLN A 582 -17.95 -20.39 -5.59
C GLN A 582 -19.27 -20.38 -6.29
N SER A 583 -19.69 -19.18 -6.69
CA SER A 583 -20.97 -18.96 -7.33
C SER A 583 -21.21 -19.81 -8.59
N PHE A 584 -20.15 -20.20 -9.29
CA PHE A 584 -20.32 -21.13 -10.40
C PHE A 584 -20.90 -22.50 -9.98
N ILE A 585 -20.45 -23.02 -8.83
CA ILE A 585 -21.00 -24.26 -8.31
C ILE A 585 -22.45 -24.05 -7.96
N GLN A 586 -22.78 -22.92 -7.34
CA GLN A 586 -24.17 -22.65 -6.95
C GLN A 586 -25.08 -22.52 -8.18
N GLU A 587 -24.56 -21.90 -9.23
CA GLU A 587 -25.31 -21.72 -10.46
C GLU A 587 -25.59 -23.06 -11.10
N ALA A 588 -24.60 -23.96 -11.10
CA ALA A 588 -24.75 -25.28 -11.72
C ALA A 588 -25.69 -26.25 -10.96
N LEU A 589 -26.06 -25.89 -9.72
CA LEU A 589 -26.72 -26.83 -8.79
C LEU A 589 -28.24 -26.69 -8.77
N VAL B 1 -17.62 -3.49 19.04
CA VAL B 1 -17.52 -4.05 17.65
C VAL B 1 -16.12 -3.79 17.02
N PRO B 2 -15.37 -4.88 16.71
CA PRO B 2 -14.03 -4.81 16.12
C PRO B 2 -14.01 -4.50 14.61
N TYR B 3 -14.72 -3.44 14.21
CA TYR B 3 -14.68 -2.85 12.86
C TYR B 3 -15.48 -1.52 12.84
N SER B 4 -15.62 -0.90 11.68
CA SER B 4 -16.29 0.41 11.61
C SER B 4 -17.75 0.38 11.13
N SER B 5 -18.63 -0.10 11.99
CA SER B 5 -20.08 -0.05 11.76
C SER B 5 -20.80 0.56 12.95
C1 NAG C . -13.18 2.06 10.43
C2 NAG C . -11.91 2.56 11.13
C3 NAG C . -10.67 1.70 10.86
C4 NAG C . -11.06 0.30 10.42
C5 NAG C . -11.87 0.39 9.14
C6 NAG C . -12.42 -0.96 8.63
C7 NAG C . -11.44 4.56 9.73
C8 NAG C . -11.13 6.01 9.77
N2 NAG C . -11.61 3.97 10.91
O3 NAG C . -9.92 1.64 12.04
O4 NAG C . -9.91 -0.47 10.20
O5 NAG C . -12.93 1.35 9.22
O6 NAG C . -13.03 -1.72 9.65
O7 NAG C . -11.54 3.97 8.65
CD CD D . 2.79 11.55 -14.11
CD CD E . 14.47 14.26 -24.52
CD CD F . 24.24 -0.92 -30.11
CD CD G . 34.79 9.13 -2.71
CD CD H . 24.37 17.00 1.22
CD CD I . 31.06 27.19 -5.96
CD CD J . 23.25 20.52 -10.23
CD CD K . 28.64 8.43 -25.32
CD CD L . 10.60 13.31 5.53
CD CD M . 26.61 3.19 -24.30
CD CD N . -4.38 11.66 35.34
CD CD O . 11.50 16.65 26.07
CD CD P . -1.60 18.82 3.30
CD CD Q . -10.26 29.50 0.78
CD CD R . -7.67 -12.65 7.92
CD CD S . -14.32 -2.27 -10.67
CD CD T . 2.61 -23.57 -12.00
CD CD U . -4.54 -8.96 -17.04
CD CD V . 27.25 23.44 -9.20
#